data_8Q70
#
_entry.id   8Q70
#
_cell.length_a   61.690
_cell.length_b   61.690
_cell.length_c   275.310
_cell.angle_alpha   90.000
_cell.angle_beta   90.000
_cell.angle_gamma   120.000
#
_symmetry.space_group_name_H-M   'P 65 2 2'
#
loop_
_entity.id
_entity.type
_entity.pdbx_description
1 polymer 'tRNA pseudouridine synthase A'
2 non-polymer 'MAGNESIUM ION'
3 non-polymer 'CHLORIDE ION'
4 water water
#
_entity_poly.entity_id   1
_entity_poly.type   'polypeptide(L)'
_entity_poly.pdbx_seq_one_letter_code
;MKHHHHHHGGSSGGRVALKIAYDGTKFHGFQRQPNVRTIEGEILRALKDAGIEFENFKSASRTDRGVSARGNVIALSTED
DRIKNPMVLNSRMSDVWIWGIAEVPEDFHPRFWANTKVYRYYLPSLGMNIKKMKECSLLFLGTHDFSAFSRVDGRDTIRS
IDRIEIWEKCNVVVVEIEGKSFLWEMVRRIVSALVLCSQGVLAEERIVEMLNGKFEKSRKVPPAPPEGLLLWDIKYENVE
FQIDNASLKKFQREIVERFKLHASLSALYEDLILNEQKI
;
_entity_poly.pdbx_strand_id   A
#
# COMPACT_ATOMS: atom_id res chain seq x y z
N GLY A 14 -9.55 7.50 -25.75
CA GLY A 14 -9.79 8.21 -24.51
C GLY A 14 -8.83 7.82 -23.41
N ARG A 15 -9.16 8.21 -22.19
CA ARG A 15 -8.34 7.94 -21.01
C ARG A 15 -9.01 6.85 -20.18
N VAL A 16 -8.20 5.93 -19.66
CA VAL A 16 -8.70 4.89 -18.77
C VAL A 16 -7.88 4.89 -17.50
N ALA A 17 -8.54 4.65 -16.37
CA ALA A 17 -7.89 4.31 -15.12
C ALA A 17 -7.98 2.82 -14.92
N LEU A 18 -6.88 2.21 -14.48
CA LEU A 18 -6.79 0.76 -14.28
C LEU A 18 -6.48 0.51 -12.81
N LYS A 19 -7.30 -0.31 -12.17
CA LYS A 19 -7.08 -0.70 -10.78
C LYS A 19 -6.29 -2.00 -10.76
N ILE A 20 -5.19 -2.02 -10.01
CA ILE A 20 -4.21 -3.09 -10.11
C ILE A 20 -3.86 -3.62 -8.74
N ALA A 21 -3.71 -4.94 -8.65
CA ALA A 21 -3.12 -5.62 -7.51
C ALA A 21 -1.74 -6.13 -7.90
N TYR A 22 -0.85 -6.26 -6.92
CA TYR A 22 0.43 -6.89 -7.21
C TYR A 22 1.07 -7.38 -5.93
N ASP A 23 1.88 -8.44 -6.09
CA ASP A 23 2.70 -8.99 -5.01
C ASP A 23 4.02 -8.23 -4.98
N GLY A 24 4.11 -7.26 -4.05
CA GLY A 24 5.27 -6.41 -3.98
C GLY A 24 6.57 -7.13 -3.63
N THR A 25 6.48 -8.33 -3.07
CA THR A 25 7.68 -9.08 -2.73
C THR A 25 8.40 -9.62 -3.96
N LYS A 26 7.78 -9.56 -5.13
CA LYS A 26 8.37 -10.06 -6.35
C LYS A 26 9.04 -8.97 -7.18
N PHE A 27 9.07 -7.75 -6.68
CA PHE A 27 9.54 -6.59 -7.46
C PHE A 27 10.47 -5.73 -6.61
N HIS A 28 11.25 -4.90 -7.30
CA HIS A 28 12.07 -3.88 -6.65
C HIS A 28 11.32 -2.54 -6.63
N GLY A 29 10.07 -2.57 -6.17
CA GLY A 29 9.28 -1.36 -6.06
C GLY A 29 8.46 -1.10 -7.31
N PHE A 30 7.61 -0.07 -7.21
CA PHE A 30 6.73 0.25 -8.33
C PHE A 30 7.46 0.99 -9.43
N GLN A 31 8.14 2.08 -9.08
CA GLN A 31 8.75 2.93 -10.10
C GLN A 31 9.79 2.17 -10.90
N ARG A 32 9.73 2.37 -12.23
CA ARG A 32 10.73 1.82 -13.14
C ARG A 32 12.13 2.21 -12.71
N GLN A 33 13.02 1.24 -12.68
CA GLN A 33 14.43 1.44 -12.38
C GLN A 33 15.24 0.69 -13.42
N PRO A 34 16.50 1.06 -13.63
CA PRO A 34 17.34 0.29 -14.56
C PRO A 34 17.76 -1.04 -13.94
N ASN A 35 17.79 -2.08 -14.78
CA ASN A 35 18.39 -3.37 -14.51
C ASN A 35 17.67 -4.19 -13.44
N VAL A 36 16.49 -3.77 -12.97
CA VAL A 36 15.74 -4.56 -12.00
C VAL A 36 14.25 -4.59 -12.39
N ARG A 37 13.59 -5.63 -11.91
CA ARG A 37 12.18 -5.87 -12.19
C ARG A 37 11.31 -4.99 -11.30
N THR A 38 10.45 -4.18 -11.91
CA THR A 38 9.55 -3.29 -11.19
C THR A 38 8.12 -3.48 -11.71
N ILE A 39 7.15 -2.97 -10.94
CA ILE A 39 5.76 -3.11 -11.35
C ILE A 39 5.50 -2.24 -12.58
N GLU A 40 5.98 -0.99 -12.56
CA GLU A 40 5.80 -0.12 -13.71
C GLU A 40 6.48 -0.71 -14.95
N GLY A 41 7.70 -1.24 -14.77
CA GLY A 41 8.38 -1.86 -15.89
C GLY A 41 7.65 -3.09 -16.41
N GLU A 42 7.05 -3.87 -15.51
CA GLU A 42 6.24 -5.00 -15.93
C GLU A 42 5.06 -4.55 -16.77
N ILE A 43 4.39 -3.47 -16.35
CA ILE A 43 3.22 -2.99 -17.06
C ILE A 43 3.61 -2.37 -18.39
N LEU A 44 4.67 -1.57 -18.41
CA LEU A 44 5.09 -0.93 -19.65
C LEU A 44 5.59 -1.96 -20.66
N ARG A 45 6.23 -3.04 -20.18
CA ARG A 45 6.67 -4.08 -21.09
C ARG A 45 5.48 -4.83 -21.69
N ALA A 46 4.47 -5.12 -20.89
CA ALA A 46 3.25 -5.75 -21.41
C ALA A 46 2.56 -4.86 -22.43
N LEU A 47 2.50 -3.56 -22.16
CA LEU A 47 1.94 -2.61 -23.12
C LEU A 47 2.71 -2.65 -24.43
N LYS A 48 4.05 -2.61 -24.35
CA LYS A 48 4.87 -2.66 -25.55
C LYS A 48 4.67 -3.98 -26.30
N ASP A 49 4.68 -5.09 -25.57
CA ASP A 49 4.54 -6.40 -26.20
C ASP A 49 3.16 -6.58 -26.83
N ALA A 50 2.13 -5.95 -26.25
CA ALA A 50 0.78 -6.07 -26.79
C ALA A 50 0.57 -5.21 -28.02
N GLY A 51 1.46 -4.25 -28.27
CA GLY A 51 1.27 -3.34 -29.39
C GLY A 51 0.28 -2.22 -29.11
N ILE A 52 0.11 -1.84 -27.86
CA ILE A 52 -0.84 -0.79 -27.48
C ILE A 52 -0.08 0.52 -27.38
N GLU A 53 -0.39 1.46 -28.28
CA GLU A 53 0.19 2.79 -28.20
C GLU A 53 -0.59 3.64 -27.20
N PHE A 54 0.15 4.37 -26.37
CA PHE A 54 -0.47 5.10 -25.27
C PHE A 54 0.29 6.38 -25.00
N GLU A 55 -0.39 7.32 -24.33
CA GLU A 55 0.18 8.58 -23.90
C GLU A 55 -0.18 8.82 -22.44
N ASN A 56 0.61 9.69 -21.79
CA ASN A 56 0.25 10.27 -20.51
C ASN A 56 0.02 9.18 -19.45
N PHE A 57 0.99 8.29 -19.32
CA PHE A 57 0.96 7.25 -18.30
C PHE A 57 1.24 7.88 -16.94
N LYS A 58 0.33 7.69 -15.99
CA LYS A 58 0.48 8.24 -14.64
C LYS A 58 0.08 7.17 -13.64
N SER A 59 0.60 7.32 -12.41
CA SER A 59 0.33 6.36 -11.35
C SER A 59 -0.09 7.09 -10.08
N ALA A 60 -1.00 6.47 -9.33
CA ALA A 60 -1.52 7.08 -8.12
C ALA A 60 -0.48 7.06 -7.01
N SER A 61 0.29 5.98 -6.91
CA SER A 61 1.21 5.80 -5.79
C SER A 61 2.40 4.96 -6.23
N ARG A 62 3.61 5.46 -5.98
CA ARG A 62 4.83 4.73 -6.27
C ARG A 62 5.24 3.98 -5.01
N THR A 63 4.72 2.77 -4.85
CA THR A 63 4.97 2.01 -3.65
C THR A 63 6.43 1.55 -3.58
N ASP A 64 6.94 1.49 -2.36
CA ASP A 64 8.35 1.16 -2.14
C ASP A 64 8.59 -0.33 -2.36
N ARG A 65 9.86 -0.69 -2.49
CA ARG A 65 10.24 -2.09 -2.68
C ARG A 65 9.68 -2.97 -1.57
N GLY A 66 9.00 -4.04 -1.97
CA GLY A 66 8.40 -4.97 -1.05
C GLY A 66 6.95 -4.72 -0.72
N VAL A 67 6.44 -3.51 -0.97
CA VAL A 67 5.06 -3.17 -0.64
C VAL A 67 4.11 -3.73 -1.69
N SER A 68 3.03 -4.36 -1.24
CA SER A 68 2.03 -4.93 -2.13
C SER A 68 0.84 -3.99 -2.28
N ALA A 69 -0.04 -4.34 -3.22
CA ALA A 69 -1.24 -3.55 -3.46
C ALA A 69 -2.40 -4.46 -3.82
N ARG A 70 -3.59 -4.08 -3.34
CA ARG A 70 -4.85 -4.62 -3.83
C ARG A 70 -5.47 -3.70 -4.86
N GLY A 71 -5.40 -2.40 -4.65
CA GLY A 71 -6.07 -1.44 -5.50
C GLY A 71 -5.28 -0.18 -5.74
N ASN A 72 -4.03 -0.31 -6.15
CA ASN A 72 -3.35 0.83 -6.73
C ASN A 72 -4.00 1.16 -8.08
N VAL A 73 -3.72 2.36 -8.60
CA VAL A 73 -4.38 2.83 -9.80
C VAL A 73 -3.37 3.51 -10.71
N ILE A 74 -3.42 3.17 -12.00
CA ILE A 74 -2.69 3.89 -13.04
C ILE A 74 -3.72 4.43 -14.02
N ALA A 75 -3.28 5.40 -14.81
CA ALA A 75 -4.12 5.96 -15.87
C ALA A 75 -3.26 6.18 -17.10
N LEU A 76 -3.86 5.92 -18.26
CA LEU A 76 -3.18 6.18 -19.53
C LEU A 76 -4.22 6.49 -20.59
N SER A 77 -3.78 7.14 -21.65
CA SER A 77 -4.64 7.53 -22.75
C SER A 77 -4.29 6.73 -23.99
N THR A 78 -5.30 6.16 -24.65
CA THR A 78 -5.07 5.36 -25.83
C THR A 78 -6.34 5.32 -26.65
N GLU A 79 -6.18 5.15 -27.97
CA GLU A 79 -7.29 4.88 -28.87
C GLU A 79 -7.44 3.38 -29.15
N ASP A 80 -6.60 2.56 -28.55
CA ASP A 80 -6.59 1.12 -28.79
C ASP A 80 -7.65 0.46 -27.91
N ASP A 81 -8.70 -0.06 -28.54
CA ASP A 81 -9.83 -0.62 -27.81
C ASP A 81 -9.48 -1.83 -26.97
N ARG A 82 -8.31 -2.45 -27.20
CA ARG A 82 -7.95 -3.64 -26.43
C ARG A 82 -7.64 -3.32 -24.98
N ILE A 83 -7.35 -2.06 -24.65
CA ILE A 83 -7.09 -1.69 -23.26
C ILE A 83 -8.29 -1.98 -22.36
N LYS A 84 -9.49 -2.07 -22.94
CA LYS A 84 -10.69 -2.34 -22.17
C LYS A 84 -10.80 -3.80 -21.73
N ASN A 85 -9.95 -4.68 -22.25
CA ASN A 85 -9.86 -6.07 -21.79
C ASN A 85 -8.55 -6.27 -21.05
N PRO A 86 -8.55 -6.24 -19.71
CA PRO A 86 -7.28 -6.30 -18.98
C PRO A 86 -6.48 -7.56 -19.22
N MET A 87 -7.11 -8.66 -19.65
CA MET A 87 -6.38 -9.89 -19.89
C MET A 87 -5.36 -9.75 -21.01
N VAL A 88 -5.54 -8.77 -21.91
CA VAL A 88 -4.53 -8.50 -22.93
C VAL A 88 -3.19 -8.22 -22.27
N LEU A 89 -3.19 -7.46 -21.17
CA LEU A 89 -1.95 -7.18 -20.45
C LEU A 89 -1.64 -8.23 -19.41
N ASN A 90 -2.66 -8.70 -18.66
CA ASN A 90 -2.44 -9.67 -17.60
C ASN A 90 -1.78 -10.95 -18.12
N SER A 91 -2.17 -11.39 -19.33
CA SER A 91 -1.55 -12.56 -19.94
C SER A 91 -0.08 -12.35 -20.25
N ARG A 92 0.41 -11.10 -20.20
CA ARG A 92 1.80 -10.77 -20.48
C ARG A 92 2.54 -10.34 -19.22
N MET A 93 2.00 -10.63 -18.04
CA MET A 93 2.60 -10.24 -16.77
C MET A 93 2.44 -11.36 -15.75
N SER A 94 3.33 -11.35 -14.75
CA SER A 94 3.21 -12.21 -13.59
C SER A 94 3.31 -11.34 -12.34
N ASP A 95 2.60 -11.74 -11.29
CA ASP A 95 2.61 -11.07 -9.99
C ASP A 95 1.98 -9.69 -10.02
N VAL A 96 1.35 -9.30 -11.14
CA VAL A 96 0.60 -8.06 -11.27
C VAL A 96 -0.70 -8.41 -11.96
N TRP A 97 -1.81 -7.86 -11.47
CA TRP A 97 -3.12 -8.16 -12.04
C TRP A 97 -3.93 -6.88 -12.15
N ILE A 98 -4.23 -6.46 -13.38
CA ILE A 98 -5.18 -5.41 -13.64
C ILE A 98 -6.58 -6.01 -13.58
N TRP A 99 -7.38 -5.61 -12.61
CA TRP A 99 -8.68 -6.23 -12.42
C TRP A 99 -9.86 -5.27 -12.50
N GLY A 100 -9.62 -3.97 -12.57
CA GLY A 100 -10.70 -3.00 -12.72
C GLY A 100 -10.30 -1.95 -13.73
N ILE A 101 -11.32 -1.44 -14.44
CA ILE A 101 -11.08 -0.44 -15.48
C ILE A 101 -12.21 0.58 -15.46
N ALA A 102 -11.85 1.86 -15.60
CA ALA A 102 -12.81 2.96 -15.64
C ALA A 102 -12.45 3.89 -16.79
N GLU A 103 -13.47 4.31 -17.54
CA GLU A 103 -13.29 5.39 -18.49
C GLU A 103 -13.37 6.73 -17.77
N VAL A 104 -12.38 7.58 -17.99
CA VAL A 104 -12.21 8.81 -17.21
C VAL A 104 -11.93 9.97 -18.16
N PRO A 105 -12.19 11.20 -17.69
CA PRO A 105 -11.87 12.37 -18.53
C PRO A 105 -10.38 12.45 -18.82
N GLU A 106 -10.05 13.18 -19.89
CA GLU A 106 -8.65 13.28 -20.31
C GLU A 106 -7.80 13.97 -19.24
N ASP A 107 -8.39 14.85 -18.44
CA ASP A 107 -7.63 15.51 -17.39
C ASP A 107 -7.63 14.73 -16.08
N PHE A 108 -8.09 13.47 -16.09
CA PHE A 108 -7.94 12.62 -14.90
C PHE A 108 -6.47 12.40 -14.60
N HIS A 109 -6.05 12.78 -13.39
CA HIS A 109 -4.70 12.48 -12.92
C HIS A 109 -4.83 11.64 -11.65
N PRO A 110 -4.28 10.42 -11.62
CA PRO A 110 -4.54 9.53 -10.47
C PRO A 110 -3.92 9.99 -9.17
N ARG A 111 -2.90 10.85 -9.21
CA ARG A 111 -2.35 11.34 -7.95
C ARG A 111 -3.04 12.59 -7.44
N PHE A 112 -3.68 13.36 -8.33
CA PHE A 112 -4.21 14.67 -7.97
C PHE A 112 -5.72 14.76 -7.99
N TRP A 113 -6.40 13.88 -8.72
CA TRP A 113 -7.85 13.78 -8.65
C TRP A 113 -8.28 13.36 -7.24
N ALA A 114 -9.25 14.07 -6.69
CA ALA A 114 -9.68 13.89 -5.30
C ALA A 114 -9.91 12.42 -4.98
N ASN A 115 -9.21 11.92 -3.97
CA ASN A 115 -9.28 10.49 -3.65
C ASN A 115 -9.00 10.25 -2.19
N THR A 116 -9.38 9.05 -1.76
CA THR A 116 -9.07 8.53 -0.44
C THR A 116 -8.29 7.24 -0.61
N LYS A 117 -7.22 7.09 0.17
CA LYS A 117 -6.38 5.89 0.12
C LYS A 117 -6.48 5.14 1.44
N VAL A 118 -6.47 3.81 1.36
CA VAL A 118 -6.46 2.95 2.54
C VAL A 118 -5.22 2.06 2.48
N TYR A 119 -4.43 2.08 3.54
CA TYR A 119 -3.33 1.13 3.72
C TYR A 119 -3.67 0.18 4.85
N ARG A 120 -3.21 -1.05 4.72
CA ARG A 120 -3.22 -2.02 5.80
C ARG A 120 -1.80 -2.50 6.04
N TYR A 121 -1.40 -2.59 7.30
CA TYR A 121 -0.12 -3.17 7.66
C TYR A 121 -0.34 -4.42 8.48
N TYR A 122 0.39 -5.49 8.15
CA TYR A 122 0.22 -6.80 8.76
C TYR A 122 1.41 -7.05 9.68
N LEU A 123 1.22 -6.78 10.96
CA LEU A 123 2.30 -6.85 11.94
C LEU A 123 2.17 -8.13 12.74
N PRO A 124 3.20 -8.97 12.79
CA PRO A 124 3.15 -10.15 13.67
C PRO A 124 2.89 -9.72 15.12
N SER A 125 1.91 -10.37 15.73
CA SER A 125 1.42 -9.93 17.04
C SER A 125 2.18 -10.54 18.20
N LEU A 126 3.13 -11.43 17.91
CA LEU A 126 3.93 -12.10 18.93
C LEU A 126 4.48 -11.11 19.95
N GLY A 127 4.04 -11.26 21.21
CA GLY A 127 4.50 -10.40 22.28
C GLY A 127 4.02 -8.97 22.23
N MET A 128 2.89 -8.71 21.56
CA MET A 128 2.37 -7.36 21.43
C MET A 128 1.26 -7.10 22.45
N ASN A 129 1.26 -5.89 23.01
CA ASN A 129 0.18 -5.43 23.90
C ASN A 129 -0.84 -4.72 23.01
N ILE A 130 -1.86 -5.48 22.60
CA ILE A 130 -2.82 -4.98 21.61
C ILE A 130 -3.62 -3.83 22.19
N LYS A 131 -4.10 -4.00 23.42
CA LYS A 131 -4.93 -2.98 24.06
C LYS A 131 -4.21 -1.63 24.09
N LYS A 132 -2.94 -1.62 24.50
CA LYS A 132 -2.21 -0.37 24.53
C LYS A 132 -1.90 0.15 23.13
N MET A 133 -1.71 -0.75 22.17
CA MET A 133 -1.51 -0.32 20.79
C MET A 133 -2.73 0.43 20.27
N LYS A 134 -3.93 -0.07 20.58
CA LYS A 134 -5.14 0.62 20.16
C LYS A 134 -5.27 1.98 20.84
N GLU A 135 -4.85 2.08 22.10
CA GLU A 135 -4.87 3.36 22.78
C GLU A 135 -3.91 4.34 22.13
N CYS A 136 -2.69 3.87 21.81
CA CYS A 136 -1.71 4.74 21.15
C CYS A 136 -2.22 5.21 19.80
N SER A 137 -2.99 4.36 19.09
CA SER A 137 -3.40 4.69 17.73
C SER A 137 -4.33 5.90 17.69
N LEU A 138 -5.07 6.16 18.78
CA LEU A 138 -5.98 7.30 18.81
C LEU A 138 -5.23 8.62 18.66
N LEU A 139 -3.96 8.67 19.09
CA LEU A 139 -3.20 9.91 19.05
C LEU A 139 -2.97 10.40 17.63
N PHE A 140 -2.95 9.49 16.66
CA PHE A 140 -2.63 9.83 15.27
C PHE A 140 -3.85 10.23 14.46
N LEU A 141 -5.05 10.07 15.00
CA LEU A 141 -6.25 10.48 14.29
C LEU A 141 -6.31 12.00 14.19
N GLY A 142 -6.67 12.51 13.02
CA GLY A 142 -6.83 13.93 12.81
C GLY A 142 -5.65 14.56 12.09
N THR A 143 -5.54 15.88 12.25
CA THR A 143 -4.54 16.67 11.54
C THR A 143 -3.34 16.92 12.45
N HIS A 144 -2.14 16.62 11.95
CA HIS A 144 -0.93 16.74 12.74
C HIS A 144 0.22 17.08 11.80
N ASP A 145 1.36 17.42 12.39
CA ASP A 145 2.63 17.42 11.68
C ASP A 145 3.17 16.01 11.70
N PHE A 146 3.22 15.37 10.54
CA PHE A 146 3.68 13.99 10.46
C PHE A 146 5.14 13.88 10.03
N SER A 147 5.89 14.98 10.14
CA SER A 147 7.30 14.95 9.76
C SER A 147 8.08 13.90 10.54
N ALA A 148 7.83 13.82 11.85
CA ALA A 148 8.54 12.85 12.70
C ALA A 148 8.20 11.41 12.34
N PHE A 149 7.15 11.18 11.57
CA PHE A 149 6.71 9.85 11.21
C PHE A 149 6.71 9.70 9.69
N SER A 150 7.75 10.21 9.04
CA SER A 150 7.82 10.21 7.59
C SER A 150 9.28 10.29 7.18
N ARG A 151 9.54 9.92 5.93
CA ARG A 151 10.82 10.14 5.27
C ARG A 151 10.68 11.38 4.39
N VAL A 152 11.47 12.42 4.69
CA VAL A 152 11.19 13.71 4.08
C VAL A 152 11.53 13.68 2.59
N ASP A 153 10.70 14.37 1.80
CA ASP A 153 10.93 14.48 0.37
C ASP A 153 10.45 15.82 -0.19
N GLY A 154 10.43 16.84 0.66
CA GLY A 154 10.06 18.18 0.23
C GLY A 154 8.59 18.49 0.29
N ARG A 155 7.75 17.52 0.64
CA ARG A 155 6.32 17.78 0.74
C ARG A 155 5.97 18.39 2.09
N ASP A 156 4.89 19.17 2.10
CA ASP A 156 4.35 19.70 3.34
C ASP A 156 3.97 18.56 4.28
N THR A 157 4.44 18.63 5.52
CA THR A 157 4.31 17.51 6.45
C THR A 157 3.05 17.58 7.29
N ILE A 158 2.23 18.61 7.15
CA ILE A 158 0.91 18.63 7.78
C ILE A 158 -0.01 17.72 6.96
N ARG A 159 -0.55 16.69 7.60
CA ARG A 159 -1.47 15.78 6.94
C ARG A 159 -2.59 15.44 7.91
N SER A 160 -3.63 14.80 7.38
CA SER A 160 -4.78 14.41 8.19
C SER A 160 -5.06 12.92 8.00
N ILE A 161 -5.15 12.19 9.10
CA ILE A 161 -5.58 10.81 9.08
C ILE A 161 -7.07 10.79 9.38
N ASP A 162 -7.85 10.27 8.43
CA ASP A 162 -9.30 10.26 8.57
C ASP A 162 -9.78 9.10 9.41
N ARG A 163 -9.06 7.98 9.40
CA ARG A 163 -9.47 6.81 10.14
CA ARG A 163 -9.47 6.82 10.16
C ARG A 163 -8.25 5.96 10.43
N ILE A 164 -8.19 5.38 11.62
CA ILE A 164 -7.12 4.47 11.99
C ILE A 164 -7.72 3.37 12.85
N GLU A 165 -7.64 2.13 12.39
CA GLU A 165 -8.31 1.01 13.05
C GLU A 165 -7.33 -0.15 13.18
N ILE A 166 -7.50 -0.91 14.26
CA ILE A 166 -6.61 -2.02 14.57
C ILE A 166 -7.46 -3.22 14.94
N TRP A 167 -7.20 -4.36 14.30
CA TRP A 167 -7.87 -5.60 14.67
C TRP A 167 -6.88 -6.75 14.58
N GLU A 168 -7.30 -7.89 15.07
CA GLU A 168 -6.46 -9.08 15.14
C GLU A 168 -6.96 -10.12 14.16
N LYS A 169 -6.15 -10.45 13.17
CA LYS A 169 -6.22 -11.74 12.49
C LYS A 169 -5.28 -12.68 13.21
N CYS A 170 -5.47 -13.98 13.00
CA CYS A 170 -4.64 -14.94 13.70
C CYS A 170 -3.16 -14.68 13.40
N ASN A 171 -2.38 -14.55 14.47
CA ASN A 171 -0.93 -14.37 14.45
C ASN A 171 -0.46 -12.95 14.11
N VAL A 172 -1.33 -12.08 13.61
CA VAL A 172 -0.91 -10.72 13.30
C VAL A 172 -1.92 -9.71 13.81
N VAL A 173 -1.45 -8.48 13.93
CA VAL A 173 -2.29 -7.32 14.15
C VAL A 173 -2.36 -6.54 12.85
N VAL A 174 -3.56 -6.19 12.41
CA VAL A 174 -3.74 -5.41 11.19
C VAL A 174 -3.99 -3.96 11.58
N VAL A 175 -3.18 -3.06 11.04
CA VAL A 175 -3.35 -1.61 11.23
C VAL A 175 -3.86 -1.04 9.92
N GLU A 176 -5.07 -0.48 9.95
CA GLU A 176 -5.66 0.12 8.77
C GLU A 176 -5.70 1.63 8.96
N ILE A 177 -5.10 2.37 8.03
CA ILE A 177 -5.08 3.83 8.09
C ILE A 177 -5.66 4.37 6.80
N GLU A 178 -6.56 5.34 6.92
CA GLU A 178 -7.24 5.95 5.79
C GLU A 178 -6.96 7.44 5.79
N GLY A 179 -6.69 7.99 4.61
CA GLY A 179 -6.45 9.42 4.48
C GLY A 179 -6.39 9.81 3.03
N LYS A 180 -6.44 11.13 2.80
CA LYS A 180 -6.43 11.64 1.43
C LYS A 180 -5.04 11.62 0.82
N SER A 181 -4.00 11.70 1.65
CA SER A 181 -2.63 11.65 1.16
C SER A 181 -1.70 11.19 2.27
N PHE A 182 -0.64 10.51 1.87
CA PHE A 182 0.31 9.93 2.81
C PHE A 182 1.71 10.36 2.47
N LEU A 183 2.48 10.72 3.47
CA LEU A 183 3.90 11.01 3.27
C LEU A 183 4.68 9.72 3.05
N TRP A 184 5.92 9.88 2.59
CA TRP A 184 6.78 8.72 2.32
C TRP A 184 7.04 7.92 3.60
N GLU A 185 6.77 6.62 3.55
CA GLU A 185 6.98 5.70 4.66
C GLU A 185 6.11 6.02 5.87
N MET A 186 5.03 6.79 5.67
CA MET A 186 4.27 7.30 6.82
C MET A 186 3.57 6.19 7.58
N VAL A 187 2.91 5.26 6.87
CA VAL A 187 2.22 4.19 7.56
C VAL A 187 3.21 3.31 8.33
N ARG A 188 4.31 2.95 7.68
CA ARG A 188 5.27 2.05 8.32
C ARG A 188 5.97 2.71 9.49
N ARG A 189 6.19 4.02 9.44
CA ARG A 189 6.78 4.71 10.58
C ARG A 189 5.77 4.90 11.71
N ILE A 190 4.49 5.13 11.38
CA ILE A 190 3.48 5.16 12.42
C ILE A 190 3.37 3.79 13.10
N VAL A 191 3.43 2.71 12.30
CA VAL A 191 3.32 1.37 12.88
C VAL A 191 4.45 1.13 13.87
N SER A 192 5.68 1.51 13.51
CA SER A 192 6.79 1.36 14.44
C SER A 192 6.58 2.15 15.72
N ALA A 193 6.06 3.36 15.62
CA ALA A 193 5.76 4.15 16.81
C ALA A 193 4.68 3.47 17.65
N LEU A 194 3.68 2.88 17.01
CA LEU A 194 2.67 2.13 17.73
C LEU A 194 3.29 0.97 18.51
N VAL A 195 4.21 0.25 17.89
CA VAL A 195 4.90 -0.83 18.59
C VAL A 195 5.64 -0.31 19.81
N LEU A 196 6.43 0.76 19.62
CA LEU A 196 7.22 1.30 20.72
C LEU A 196 6.34 1.85 21.82
N CYS A 197 5.22 2.50 21.45
CA CYS A 197 4.29 3.01 22.45
C CYS A 197 3.59 1.89 23.18
N SER A 198 3.30 0.79 22.48
CA SER A 198 2.60 -0.34 23.11
C SER A 198 3.48 -1.03 24.15
N GLN A 199 4.80 -0.98 23.99
CA GLN A 199 5.72 -1.61 24.92
C GLN A 199 6.36 -0.61 25.88
N GLY A 200 5.68 0.50 26.14
CA GLY A 200 6.12 1.48 27.12
C GLY A 200 7.40 2.22 26.79
N VAL A 201 8.01 1.97 25.64
CA VAL A 201 9.29 2.61 25.31
C VAL A 201 9.06 4.06 24.89
N LEU A 202 7.94 4.34 24.22
CA LEU A 202 7.66 5.65 23.67
C LEU A 202 6.36 6.15 24.28
N ALA A 203 6.46 7.13 25.17
CA ALA A 203 5.30 7.61 25.91
C ALA A 203 4.31 8.31 25.00
N GLU A 204 3.04 8.25 25.38
CA GLU A 204 2.00 8.93 24.62
C GLU A 204 2.24 10.44 24.61
N GLU A 205 2.74 10.98 25.73
CA GLU A 205 3.05 12.41 25.81
C GLU A 205 4.12 12.80 24.80
N ARG A 206 5.11 11.92 24.60
CA ARG A 206 6.15 12.21 23.62
C ARG A 206 5.61 12.17 22.19
N ILE A 207 4.71 11.21 21.90
CA ILE A 207 4.09 11.17 20.58
C ILE A 207 3.31 12.45 20.31
N VAL A 208 2.56 12.93 21.31
CA VAL A 208 1.79 14.17 21.13
C VAL A 208 2.72 15.33 20.82
N GLU A 209 3.85 15.41 21.51
CA GLU A 209 4.85 16.43 21.18
C GLU A 209 5.34 16.28 19.74
N MET A 210 5.71 15.05 19.35
CA MET A 210 6.24 14.84 18.00
C MET A 210 5.22 15.22 16.94
N LEU A 211 3.96 14.86 17.14
CA LEU A 211 2.88 15.21 16.22
C LEU A 211 2.63 16.70 16.17
N ASN A 212 3.21 17.47 17.09
CA ASN A 212 3.10 18.93 17.03
C ASN A 212 4.43 19.57 16.66
N GLY A 213 5.34 18.80 16.05
CA GLY A 213 6.55 19.34 15.46
C GLY A 213 7.74 19.40 16.39
N LYS A 214 7.67 18.82 17.58
CA LYS A 214 8.76 18.84 18.55
C LYS A 214 9.36 17.44 18.58
N PHE A 215 10.48 17.28 17.88
CA PHE A 215 11.16 15.99 17.77
C PHE A 215 12.58 16.28 17.28
N GLU A 216 13.44 15.27 17.37
CA GLU A 216 14.80 15.37 16.88
C GLU A 216 14.91 14.53 15.62
N LYS A 217 15.25 15.18 14.49
CA LYS A 217 15.28 14.50 13.21
C LYS A 217 16.24 13.31 13.23
N SER A 218 17.32 13.40 14.02
CA SER A 218 18.34 12.36 14.03
C SER A 218 17.86 11.07 14.70
N ARG A 219 16.80 11.13 15.50
CA ARG A 219 16.31 9.96 16.24
C ARG A 219 14.88 9.59 15.86
N LYS A 220 14.52 9.77 14.60
CA LYS A 220 13.17 9.41 14.18
C LYS A 220 12.98 7.90 14.23
N VAL A 221 11.75 7.50 14.54
CA VAL A 221 11.39 6.08 14.60
C VAL A 221 11.57 5.46 13.21
N PRO A 222 12.21 4.31 13.08
CA PRO A 222 12.47 3.73 11.75
C PRO A 222 11.22 3.06 11.20
N PRO A 223 11.11 2.91 9.89
CA PRO A 223 9.92 2.28 9.31
C PRO A 223 9.86 0.78 9.59
N ALA A 224 8.65 0.29 9.85
CA ALA A 224 8.42 -1.14 9.90
C ALA A 224 8.76 -1.76 8.56
N PRO A 225 9.04 -3.07 8.53
CA PRO A 225 9.49 -3.71 7.27
C PRO A 225 8.46 -3.57 6.17
N PRO A 226 8.91 -3.36 4.92
CA PRO A 226 7.96 -3.00 3.86
C PRO A 226 7.07 -4.15 3.40
N GLU A 227 7.50 -5.40 3.59
CA GLU A 227 6.71 -6.51 3.07
C GLU A 227 5.36 -6.65 3.77
N GLY A 228 5.20 -6.08 4.96
CA GLY A 228 3.92 -6.13 5.63
C GLY A 228 2.92 -5.08 5.18
N LEU A 229 3.31 -4.16 4.31
CA LEU A 229 2.43 -3.07 3.90
C LEU A 229 1.65 -3.45 2.64
N LEU A 230 0.34 -3.20 2.67
CA LEU A 230 -0.55 -3.45 1.56
C LEU A 230 -1.30 -2.17 1.24
N LEU A 231 -1.19 -1.68 0.01
CA LEU A 231 -2.03 -0.58 -0.46
C LEU A 231 -3.40 -1.18 -0.76
N TRP A 232 -4.34 -0.96 0.16
CA TRP A 232 -5.60 -1.69 0.11
C TRP A 232 -6.53 -1.15 -0.97
N ASP A 233 -6.67 0.18 -1.06
CA ASP A 233 -7.61 0.72 -2.03
C ASP A 233 -7.35 2.20 -2.23
N ILE A 234 -7.70 2.69 -3.41
CA ILE A 234 -7.79 4.11 -3.71
C ILE A 234 -9.16 4.36 -4.30
N LYS A 235 -9.92 5.26 -3.67
CA LYS A 235 -11.28 5.56 -4.08
C LYS A 235 -11.32 6.99 -4.62
N TYR A 236 -11.63 7.12 -5.91
CA TYR A 236 -11.77 8.43 -6.54
C TYR A 236 -13.24 8.85 -6.55
N GLU A 237 -13.47 10.13 -6.27
CA GLU A 237 -14.84 10.62 -6.22
C GLU A 237 -15.45 10.61 -7.61
N ASN A 238 -16.67 10.07 -7.71
CA ASN A 238 -17.41 9.96 -8.96
C ASN A 238 -16.69 9.11 -10.00
N VAL A 239 -15.81 8.21 -9.57
CA VAL A 239 -15.16 7.25 -10.46
C VAL A 239 -15.43 5.85 -9.93
N GLU A 240 -15.98 5.00 -10.77
CA GLU A 240 -16.21 3.60 -10.46
C GLU A 240 -15.51 2.73 -11.50
N PHE A 241 -14.95 1.63 -11.04
CA PHE A 241 -14.24 0.70 -11.90
C PHE A 241 -15.14 -0.49 -12.25
N GLN A 242 -15.14 -0.85 -13.52
CA GLN A 242 -15.77 -2.09 -13.95
C GLN A 242 -14.78 -3.23 -13.72
N ILE A 243 -15.25 -4.29 -13.08
CA ILE A 243 -14.40 -5.42 -12.71
C ILE A 243 -14.35 -6.42 -13.86
N ASP A 244 -13.15 -6.96 -14.12
CA ASP A 244 -12.97 -8.00 -15.13
C ASP A 244 -12.86 -9.34 -14.43
N ASN A 245 -13.86 -10.21 -14.64
CA ASN A 245 -13.92 -11.46 -13.90
C ASN A 245 -12.78 -12.40 -14.29
N ALA A 246 -12.44 -12.47 -15.58
CA ALA A 246 -11.33 -13.32 -15.99
C ALA A 246 -10.05 -12.92 -15.28
N SER A 247 -9.81 -11.62 -15.12
CA SER A 247 -8.60 -11.16 -14.46
C SER A 247 -8.63 -11.48 -12.97
N LEU A 248 -9.78 -11.29 -12.32
CA LEU A 248 -9.88 -11.63 -10.90
C LEU A 248 -9.65 -13.12 -10.67
N LYS A 249 -10.19 -13.98 -11.54
CA LYS A 249 -10.01 -15.41 -11.40
C LYS A 249 -8.54 -15.80 -11.40
N LYS A 250 -7.75 -15.18 -12.30
CA LYS A 250 -6.32 -15.43 -12.35
C LYS A 250 -5.63 -14.87 -11.11
N PHE A 251 -5.95 -13.62 -10.76
CA PHE A 251 -5.46 -13.01 -9.52
C PHE A 251 -5.74 -13.92 -8.33
N GLN A 252 -6.97 -14.38 -8.19
CA GLN A 252 -7.35 -15.20 -7.05
C GLN A 252 -6.66 -16.55 -7.07
N ARG A 253 -6.64 -17.21 -8.24
CA ARG A 253 -5.95 -18.48 -8.37
C ARG A 253 -4.51 -18.38 -7.90
N GLU A 254 -3.82 -17.32 -8.32
CA GLU A 254 -2.39 -17.23 -8.06
C GLU A 254 -2.08 -16.71 -6.65
N ILE A 255 -2.96 -15.89 -6.07
CA ILE A 255 -2.73 -15.44 -4.70
C ILE A 255 -3.04 -16.56 -3.71
N VAL A 256 -4.01 -17.43 -4.02
CA VAL A 256 -4.33 -18.52 -3.11
C VAL A 256 -3.17 -19.50 -3.02
N GLU A 257 -2.54 -19.79 -4.16
CA GLU A 257 -1.38 -20.68 -4.18
C GLU A 257 -0.31 -20.22 -3.20
N ARG A 258 0.08 -18.94 -3.28
CA ARG A 258 1.16 -18.49 -2.41
C ARG A 258 0.69 -18.27 -0.97
N PHE A 259 -0.57 -17.92 -0.76
CA PHE A 259 -1.09 -17.88 0.60
C PHE A 259 -0.94 -19.24 1.27
N LYS A 260 -1.23 -20.32 0.53
CA LYS A 260 -1.17 -21.65 1.13
C LYS A 260 0.24 -22.00 1.56
N LEU A 261 1.24 -21.67 0.73
CA LEU A 261 2.62 -21.97 1.09
C LEU A 261 3.01 -21.26 2.38
N HIS A 262 2.67 -19.97 2.48
CA HIS A 262 3.12 -19.18 3.62
C HIS A 262 2.30 -19.47 4.87
N ALA A 263 1.00 -19.74 4.71
CA ALA A 263 0.20 -20.13 5.87
C ALA A 263 0.75 -21.41 6.50
N SER A 264 1.07 -22.40 5.67
CA SER A 264 1.65 -23.64 6.17
C SER A 264 3.00 -23.41 6.82
N LEU A 265 3.87 -22.66 6.16
CA LEU A 265 5.21 -22.41 6.69
C LEU A 265 5.15 -21.58 7.97
N SER A 266 4.30 -20.57 8.01
CA SER A 266 4.15 -19.75 9.21
C SER A 266 3.75 -20.61 10.41
N ALA A 267 2.77 -21.50 10.23
CA ALA A 267 2.33 -22.34 11.34
C ALA A 267 3.40 -23.33 11.76
N LEU A 268 4.18 -23.83 10.81
CA LEU A 268 5.27 -24.74 11.15
C LEU A 268 6.34 -24.03 11.98
N TYR A 269 6.79 -22.86 11.50
CA TYR A 269 7.75 -22.06 12.26
C TYR A 269 7.21 -21.71 13.64
N GLU A 270 5.92 -21.37 13.72
CA GLU A 270 5.34 -20.98 15.00
C GLU A 270 5.44 -22.11 16.02
N ASP A 271 5.20 -23.36 15.58
CA ASP A 271 5.29 -24.50 16.47
C ASP A 271 6.71 -24.76 16.95
N LEU A 272 7.72 -24.23 16.25
CA LEU A 272 9.10 -24.36 16.72
C LEU A 272 9.48 -23.31 17.75
N ILE A 273 8.69 -22.26 17.91
CA ILE A 273 8.98 -21.23 18.90
C ILE A 273 8.58 -21.74 20.28
N LEU A 274 9.51 -21.67 21.23
CA LEU A 274 9.26 -22.18 22.57
C LEU A 274 8.09 -21.43 23.21
N ASN A 275 7.29 -22.18 23.98
CA ASN A 275 5.99 -21.69 24.44
C ASN A 275 6.11 -20.35 25.18
N GLU A 276 7.04 -20.26 26.14
CA GLU A 276 7.12 -19.06 26.97
C GLU A 276 7.41 -17.81 26.14
N GLN A 277 8.00 -17.96 24.96
CA GLN A 277 8.29 -16.84 24.10
C GLN A 277 7.44 -16.89 22.84
#